data_4NJD
#
_entry.id   4NJD
#
_cell.length_a   65.559
_cell.length_b   65.559
_cell.length_c   183.600
_cell.angle_alpha   90.00
_cell.angle_beta   90.00
_cell.angle_gamma   90.00
#
_symmetry.space_group_name_H-M   'P 41 21 2'
#
loop_
_entity.id
_entity.type
_entity.pdbx_description
1 polymer 'Serine/threonine-protein kinase PAK 4'
2 non-polymer "N-(1H-indazol-5-yl)-N'-[2-(1H-indol-3-yl)ethyl]-6-methoxy-1,3,5-triazine-2,4-diamine"
3 water water
#
_entity_poly.entity_id   1
_entity_poly.type   'polypeptide(L)'
_entity_poly.pdbx_seq_one_letter_code
;GSHMSHEQFRAALQLVVDPGDPRSYLDNFIKIGEGSTGIVCIATVRSSGKLVAVKKMDLRKQQRRELLFNEVVIMRDYQH
ENVVEMYNSYLVGDELWVVMEFLEGGALTDIVTHTRMNEEQIAAVCLAVLQALSVLHAQGVIHRDIKSDSILLTHDGRVK
LSDFGFCAQVSKEVPRRK(SEP)LVGTPYWMAPELISRLPYGPEVDIWSLGIMVIEMVDGEPPYFNEPPLKAMKMIRDNL
PPRLKNLHKVSPSLKGFLDRLLVRDPAQRATAAELLKHPFLAKAGPPASIVPLMRQNRTR
;
_entity_poly.pdbx_strand_id   A
#
loop_
_chem_comp.id
_chem_comp.type
_chem_comp.name
_chem_comp.formula
NJD non-polymer N-(1H-indazol-5-yl)-N'-[2-(1H-indol-3-yl)ethyl]-6-methoxy-1,3,5-triazine-2,4-diamine 'C21 H20 N8 O'
#
# COMPACT_ATOMS: atom_id res chain seq x y z
N MET A 4 -30.97 9.83 2.51
CA MET A 4 -31.44 8.77 3.46
C MET A 4 -30.34 7.78 3.84
N SER A 5 -29.97 6.89 2.91
CA SER A 5 -28.92 5.92 3.20
C SER A 5 -27.65 6.67 3.53
N HIS A 6 -27.65 7.95 3.15
CA HIS A 6 -26.50 8.81 3.38
C HIS A 6 -26.42 9.25 4.85
N GLU A 7 -27.55 9.59 5.45
CA GLU A 7 -27.56 10.01 6.85
C GLU A 7 -27.28 8.80 7.77
N GLN A 8 -27.83 7.64 7.41
CA GLN A 8 -27.50 6.46 8.17
C GLN A 8 -26.02 6.23 8.03
N PHE A 9 -25.52 6.26 6.81
CA PHE A 9 -24.11 6.02 6.68
C PHE A 9 -23.31 7.03 7.47
N ARG A 10 -23.57 8.32 7.25
CA ARG A 10 -23.00 9.39 8.08
C ARG A 10 -23.06 9.10 9.59
N ALA A 11 -24.24 8.85 10.14
CA ALA A 11 -24.31 8.62 11.58
C ALA A 11 -23.35 7.49 12.02
N ALA A 12 -23.22 6.46 11.21
CA ALA A 12 -22.49 5.28 11.63
C ALA A 12 -21.01 5.57 11.65
N LEU A 13 -20.55 6.31 10.64
CA LEU A 13 -19.14 6.69 10.50
C LEU A 13 -18.75 7.60 11.67
N GLN A 14 -19.68 8.46 12.08
CA GLN A 14 -19.47 9.34 13.25
C GLN A 14 -18.96 8.53 14.41
N LEU A 15 -19.60 7.42 14.70
CA LEU A 15 -19.18 6.62 15.81
C LEU A 15 -17.76 6.01 15.75
N VAL A 16 -17.13 5.95 14.58
CA VAL A 16 -15.81 5.32 14.51
C VAL A 16 -14.66 6.30 14.37
N VAL A 17 -14.95 7.57 14.08
CA VAL A 17 -13.90 8.61 13.95
C VAL A 17 -13.77 9.40 15.26
N ASP A 18 -12.82 10.34 15.31
CA ASP A 18 -12.70 11.09 16.54
C ASP A 18 -13.67 12.24 16.45
N PRO A 19 -14.19 12.66 17.60
CA PRO A 19 -15.20 13.67 17.69
C PRO A 19 -14.69 15.03 17.29
N GLY A 20 -15.56 15.84 16.68
CA GLY A 20 -15.27 17.27 16.42
C GLY A 20 -14.69 17.67 15.07
N ASP A 21 -13.92 18.76 15.11
CA ASP A 21 -13.48 19.44 13.90
C ASP A 21 -12.01 19.85 13.97
N PRO A 22 -11.16 19.25 13.12
CA PRO A 22 -9.72 19.45 13.21
C PRO A 22 -9.25 20.75 12.53
N ARG A 23 -10.18 21.51 12.00
CA ARG A 23 -9.83 22.75 11.32
C ARG A 23 -9.37 23.83 12.28
N SER A 24 -9.81 23.75 13.54
CA SER A 24 -9.29 24.71 14.54
C SER A 24 -7.77 24.63 14.61
N TYR A 25 -7.21 23.43 14.65
CA TYR A 25 -5.74 23.26 14.85
C TYR A 25 -4.89 22.89 13.66
N LEU A 26 -5.41 22.95 12.44
CA LEU A 26 -4.59 22.61 11.27
C LEU A 26 -4.51 23.82 10.32
N ASP A 27 -3.31 24.23 9.97
CA ASP A 27 -3.15 25.39 9.05
C ASP A 27 -2.29 25.05 7.85
N ASN A 28 -2.48 25.83 6.76
CA ASN A 28 -1.70 25.77 5.51
C ASN A 28 -1.77 24.44 4.76
N PHE A 29 -2.98 24.12 4.29
CA PHE A 29 -3.16 22.92 3.50
C PHE A 29 -2.45 23.08 2.16
N ILE A 30 -1.60 22.10 1.88
CA ILE A 30 -0.87 22.02 0.65
C ILE A 30 -1.20 20.69 -0.01
N LYS A 31 -1.81 20.73 -1.19
CA LYS A 31 -2.29 19.56 -1.83
C LYS A 31 -1.04 18.80 -2.24
N ILE A 32 -0.98 17.48 -2.08
CA ILE A 32 0.17 16.73 -2.61
C ILE A 32 -0.18 15.62 -3.60
N GLY A 33 -1.42 15.18 -3.59
CA GLY A 33 -1.77 14.00 -4.35
C GLY A 33 -3.26 13.96 -4.51
N GLU A 34 -3.69 13.26 -5.55
CA GLU A 34 -5.08 12.91 -5.79
C GLU A 34 -5.19 11.43 -6.01
N GLY A 35 -6.31 10.86 -5.54
CA GLY A 35 -6.66 9.45 -5.74
C GLY A 35 -8.15 9.22 -6.04
N SER A 36 -8.46 7.95 -6.29
CA SER A 36 -9.84 7.47 -6.49
C SER A 36 -10.77 7.90 -5.36
N THR A 37 -10.31 7.72 -4.12
CA THR A 37 -11.12 8.08 -2.93
C THR A 37 -11.17 9.59 -2.60
N GLY A 38 -10.31 10.40 -3.23
CA GLY A 38 -10.16 11.84 -2.94
C GLY A 38 -8.72 12.37 -2.88
N ILE A 39 -8.54 13.55 -2.28
CA ILE A 39 -7.24 14.25 -2.33
C ILE A 39 -6.40 14.13 -1.04
N VAL A 40 -5.09 14.29 -1.15
CA VAL A 40 -4.19 14.27 0.01
C VAL A 40 -3.45 15.62 0.17
N CYS A 41 -3.37 16.12 1.39
CA CYS A 41 -2.79 17.42 1.66
C CYS A 41 -1.76 17.28 2.70
N ILE A 42 -0.81 18.22 2.76
CA ILE A 42 -0.16 18.41 4.04
C ILE A 42 -0.72 19.59 4.84
N ALA A 43 -0.52 19.55 6.16
CA ALA A 43 -0.91 20.65 7.05
C ALA A 43 0.03 20.77 8.22
N THR A 44 0.02 21.95 8.81
CA THR A 44 0.66 22.20 10.06
C THR A 44 -0.28 22.06 11.25
N VAL A 45 0.21 21.46 12.32
CA VAL A 45 -0.55 21.46 13.58
C VAL A 45 -0.17 22.74 14.31
N ARG A 46 -1.11 23.65 14.55
CA ARG A 46 -0.78 24.96 15.17
C ARG A 46 -0.04 24.83 16.48
N SER A 47 -0.39 23.83 17.29
CA SER A 47 0.15 23.78 18.67
C SER A 47 1.62 23.31 18.69
N SER A 48 2.00 22.51 17.69
CA SER A 48 3.36 21.94 17.69
C SER A 48 4.31 22.44 16.62
N GLY A 49 3.77 22.91 15.49
CA GLY A 49 4.56 23.29 14.31
C GLY A 49 4.75 22.08 13.40
N LYS A 50 4.21 20.94 13.83
CA LYS A 50 4.52 19.71 13.14
C LYS A 50 3.67 19.49 11.91
N LEU A 51 4.25 18.77 10.97
CA LEU A 51 3.58 18.46 9.73
C LEU A 51 2.89 17.15 9.83
N VAL A 52 1.66 17.11 9.34
CA VAL A 52 0.98 15.85 9.14
C VAL A 52 0.48 15.77 7.71
N ALA A 53 -0.06 14.61 7.33
CA ALA A 53 -0.69 14.50 6.02
C ALA A 53 -2.12 14.21 6.27
N VAL A 54 -2.99 14.87 5.53
CA VAL A 54 -4.41 14.70 5.68
C VAL A 54 -5.02 14.18 4.37
N LYS A 55 -5.66 13.01 4.43
CA LYS A 55 -6.44 12.42 3.32
C LYS A 55 -7.86 12.89 3.42
N LYS A 56 -8.42 13.49 2.36
CA LYS A 56 -9.84 13.95 2.40
C LYS A 56 -10.73 13.20 1.41
N MET A 57 -11.68 12.45 1.94
CA MET A 57 -12.51 11.51 1.20
C MET A 57 -13.95 11.95 1.27
N ASP A 58 -14.48 12.41 0.13
CA ASP A 58 -15.86 12.86 0.03
C ASP A 58 -16.83 11.65 0.21
N LEU A 59 -17.77 11.77 1.14
CA LEU A 59 -18.66 10.67 1.47
C LEU A 59 -19.63 10.36 0.32
N ARG A 60 -20.02 11.39 -0.41
CA ARG A 60 -20.99 11.27 -1.49
C ARG A 60 -20.33 10.97 -2.84
N LYS A 61 -19.03 10.63 -2.85
CA LYS A 61 -18.24 10.46 -4.10
C LYS A 61 -17.41 9.19 -4.12
N GLN A 62 -17.83 8.16 -3.41
CA GLN A 62 -17.08 6.91 -3.50
C GLN A 62 -17.75 5.90 -4.39
N GLN A 63 -16.92 5.01 -4.88
CA GLN A 63 -17.40 3.71 -5.28
CA GLN A 63 -17.36 3.69 -5.30
C GLN A 63 -17.14 2.83 -4.07
N ARG A 64 -18.10 2.01 -3.72
CA ARG A 64 -18.06 1.35 -2.43
C ARG A 64 -17.77 2.25 -1.19
N ARG A 65 -18.74 3.14 -0.95
CA ARG A 65 -18.87 4.00 0.27
C ARG A 65 -18.50 3.33 1.60
N GLU A 66 -18.91 2.07 1.78
CA GLU A 66 -18.76 1.35 3.04
C GLU A 66 -17.35 0.88 3.26
N LEU A 67 -16.52 0.95 2.24
CA LEU A 67 -15.10 0.74 2.44
C LEU A 67 -14.54 1.76 3.41
N LEU A 68 -15.13 2.96 3.45
CA LEU A 68 -14.68 4.00 4.39
C LEU A 68 -14.57 3.59 5.84
N PHE A 69 -15.24 2.50 6.25
CA PHE A 69 -15.17 2.03 7.64
C PHE A 69 -13.87 1.35 8.01
N ASN A 70 -13.07 0.94 7.04
CA ASN A 70 -12.04 -0.06 7.34
C ASN A 70 -10.80 0.49 8.05
N GLU A 71 -10.08 1.35 7.35
CA GLU A 71 -8.87 1.93 7.89
C GLU A 71 -9.06 2.62 9.22
N VAL A 72 -10.09 3.46 9.31
CA VAL A 72 -10.30 4.26 10.49
C VAL A 72 -10.52 3.39 11.73
N VAL A 73 -11.04 2.18 11.55
CA VAL A 73 -11.08 1.20 12.64
C VAL A 73 -9.84 0.28 12.70
N ILE A 74 -9.57 -0.44 11.61
CA ILE A 74 -8.49 -1.41 11.66
C ILE A 74 -7.15 -0.79 12.03
N MET A 75 -6.83 0.40 11.53
CA MET A 75 -5.50 0.93 11.76
C MET A 75 -5.38 1.88 12.99
N ARG A 76 -6.47 2.06 13.74
CA ARG A 76 -6.49 2.95 14.91
C ARG A 76 -5.49 2.49 15.98
N ASP A 77 -4.50 3.34 16.30
CA ASP A 77 -3.43 3.02 17.29
C ASP A 77 -2.42 1.93 16.89
N TYR A 78 -2.41 1.66 15.60
CA TYR A 78 -1.46 0.76 15.02
C TYR A 78 -0.09 1.45 14.91
N GLN A 79 0.92 0.81 15.49
CA GLN A 79 2.25 1.36 15.70
C GLN A 79 3.28 0.40 15.09
N HIS A 80 3.89 0.75 13.96
CA HIS A 80 5.01 -0.02 13.39
C HIS A 80 5.95 0.91 12.62
N GLU A 81 7.26 0.69 12.76
CA GLU A 81 8.29 1.51 12.10
C GLU A 81 8.26 1.49 10.57
N ASN A 82 7.66 0.45 10.00
CA ASN A 82 7.51 0.37 8.56
C ASN A 82 6.05 0.59 8.14
N VAL A 83 5.27 1.24 9.02
CA VAL A 83 3.89 1.63 8.69
C VAL A 83 3.65 3.12 8.93
N VAL A 84 3.03 3.76 7.95
CA VAL A 84 2.73 5.17 8.12
C VAL A 84 1.67 5.27 9.21
N GLU A 85 2.02 5.95 10.27
CA GLU A 85 1.11 5.94 11.37
C GLU A 85 -0.15 6.80 11.06
N MET A 86 -1.31 6.33 11.50
CA MET A 86 -2.51 7.13 11.43
C MET A 86 -2.80 7.80 12.81
N TYR A 87 -2.83 9.13 12.85
CA TYR A 87 -3.02 9.85 14.13
C TYR A 87 -4.47 9.94 14.61
N ASN A 88 -5.41 10.23 13.72
CA ASN A 88 -6.80 10.56 14.06
C ASN A 88 -7.65 10.41 12.79
N SER A 89 -8.97 10.29 12.97
CA SER A 89 -9.86 10.64 11.85
C SER A 89 -10.99 11.49 12.39
N TYR A 90 -11.68 12.19 11.51
CA TYR A 90 -12.77 13.03 11.91
C TYR A 90 -13.74 13.08 10.79
N LEU A 91 -14.96 13.43 11.14
CA LEU A 91 -15.95 13.82 10.16
C LEU A 91 -16.00 15.30 10.06
N VAL A 92 -15.87 15.78 8.83
CA VAL A 92 -15.77 17.17 8.52
C VAL A 92 -16.64 17.56 7.31
N GLY A 93 -17.82 18.11 7.57
CA GLY A 93 -18.74 18.38 6.49
C GLY A 93 -19.14 16.99 5.99
N ASP A 94 -19.30 16.86 4.68
CA ASP A 94 -19.60 15.59 4.12
C ASP A 94 -18.31 14.90 3.73
N GLU A 95 -17.29 15.06 4.57
CA GLU A 95 -15.99 14.50 4.25
C GLU A 95 -15.37 13.71 5.40
N LEU A 96 -14.66 12.64 5.04
CA LEU A 96 -13.83 11.89 6.00
C LEU A 96 -12.38 12.32 5.86
N TRP A 97 -11.78 12.76 6.98
CA TRP A 97 -10.37 13.17 6.95
C TRP A 97 -9.59 12.23 7.78
N VAL A 98 -8.47 11.70 7.27
CA VAL A 98 -7.62 10.79 8.05
C VAL A 98 -6.30 11.54 8.21
N VAL A 99 -5.78 11.62 9.42
CA VAL A 99 -4.63 12.50 9.72
C VAL A 99 -3.50 11.56 10.01
N MET A 100 -2.38 11.76 9.35
CA MET A 100 -1.34 10.77 9.29
C MET A 100 0.04 11.38 9.39
N GLU A 101 1.01 10.52 9.69
CA GLU A 101 2.42 10.84 9.63
C GLU A 101 2.74 11.39 8.22
N PHE A 102 3.50 12.49 8.15
CA PHE A 102 4.06 13.01 6.92
C PHE A 102 5.37 12.28 6.61
N LEU A 103 5.46 11.72 5.40
CA LEU A 103 6.71 11.14 4.91
C LEU A 103 7.31 11.95 3.79
N GLU A 104 8.28 12.77 4.18
CA GLU A 104 8.93 13.82 3.41
C GLU A 104 9.61 13.41 2.14
N GLY A 105 9.90 12.11 1.96
CA GLY A 105 10.65 11.67 0.79
C GLY A 105 9.85 11.34 -0.47
N GLY A 106 8.53 11.41 -0.41
CA GLY A 106 7.70 10.94 -1.53
C GLY A 106 7.56 9.43 -1.63
N ALA A 107 6.82 9.00 -2.63
CA ALA A 107 6.53 7.62 -2.85
C ALA A 107 7.62 6.94 -3.71
N LEU A 108 7.62 5.60 -3.70
CA LEU A 108 8.55 4.80 -4.48
C LEU A 108 8.28 4.91 -5.98
N THR A 109 7.05 5.26 -6.34
CA THR A 109 6.65 5.51 -7.70
C THR A 109 7.59 6.44 -8.45
N ASP A 110 7.98 7.53 -7.81
CA ASP A 110 8.86 8.47 -8.48
C ASP A 110 10.17 7.78 -8.86
N ILE A 111 10.64 6.90 -7.99
CA ILE A 111 11.92 6.29 -8.15
C ILE A 111 11.87 5.19 -9.22
N VAL A 112 10.80 4.38 -9.25
CA VAL A 112 10.76 3.32 -10.23
C VAL A 112 10.44 3.84 -11.63
N THR A 113 9.89 5.05 -11.73
CA THR A 113 9.66 5.59 -13.04
C THR A 113 10.94 6.26 -13.62
N HIS A 114 11.79 6.85 -12.76
CA HIS A 114 12.88 7.71 -13.25
C HIS A 114 14.29 7.12 -13.19
N THR A 115 14.41 5.94 -12.59
CA THR A 115 15.71 5.25 -12.46
C THR A 115 15.58 3.75 -12.26
N ARG A 116 16.73 3.13 -12.14
CA ARG A 116 16.77 1.71 -12.02
C ARG A 116 17.48 1.34 -10.70
N MET A 117 16.73 0.74 -9.81
CA MET A 117 17.22 0.44 -8.49
C MET A 117 18.18 -0.73 -8.58
N ASN A 118 19.30 -0.70 -7.85
CA ASN A 118 20.17 -1.87 -7.74
C ASN A 118 19.58 -2.92 -6.77
N GLU A 119 20.13 -4.12 -6.72
CA GLU A 119 19.54 -5.19 -5.91
C GLU A 119 19.60 -4.93 -4.40
N GLU A 120 20.60 -4.17 -3.99
CA GLU A 120 20.84 -3.81 -2.60
C GLU A 120 19.73 -2.88 -2.13
N GLN A 121 19.12 -2.17 -3.08
CA GLN A 121 18.08 -1.19 -2.73
C GLN A 121 16.73 -1.86 -2.76
N ILE A 122 16.57 -2.80 -3.70
CA ILE A 122 15.35 -3.56 -3.91
C ILE A 122 15.05 -4.50 -2.75
N ALA A 123 16.10 -5.11 -2.22
CA ALA A 123 16.01 -5.90 -1.01
C ALA A 123 15.74 -5.06 0.26
N ALA A 124 16.31 -3.85 0.33
CA ALA A 124 15.98 -2.90 1.42
C ALA A 124 14.50 -2.55 1.42
N VAL A 125 13.94 -2.31 0.24
CA VAL A 125 12.52 -2.01 0.15
C VAL A 125 11.70 -3.24 0.49
N CYS A 126 12.12 -4.39 -0.01
CA CYS A 126 11.43 -5.64 0.22
C CYS A 126 11.48 -6.10 1.70
N LEU A 127 12.64 -6.01 2.34
CA LEU A 127 12.70 -6.24 3.79
C LEU A 127 11.71 -5.31 4.47
N ALA A 128 11.88 -4.01 4.26
CA ALA A 128 11.00 -3.07 4.90
C ALA A 128 9.55 -3.51 4.81
N VAL A 129 9.04 -3.69 3.59
CA VAL A 129 7.62 -4.03 3.37
C VAL A 129 7.21 -5.36 3.99
N LEU A 130 8.12 -6.33 4.01
CA LEU A 130 7.78 -7.64 4.54
C LEU A 130 7.75 -7.66 6.07
N GLN A 131 8.60 -6.83 6.67
CA GLN A 131 8.60 -6.64 8.12
C GLN A 131 7.30 -6.02 8.52
N ALA A 132 6.77 -5.16 7.65
CA ALA A 132 5.43 -4.59 7.86
C ALA A 132 4.37 -5.65 7.63
N LEU A 133 4.50 -6.42 6.57
CA LEU A 133 3.43 -7.30 6.21
C LEU A 133 3.25 -8.46 7.20
N SER A 134 4.36 -9.00 7.72
CA SER A 134 4.26 -10.14 8.65
C SER A 134 3.55 -9.80 9.97
N VAL A 135 3.85 -8.62 10.53
CA VAL A 135 3.19 -8.16 11.76
C VAL A 135 1.70 -7.92 11.47
N LEU A 136 1.40 -7.31 10.31
CA LEU A 136 -0.02 -7.10 9.92
C LEU A 136 -0.80 -8.38 9.68
N HIS A 137 -0.15 -9.36 9.06
CA HIS A 137 -0.81 -10.62 8.72
C HIS A 137 -0.99 -11.52 9.91
N ALA A 138 -0.05 -11.44 10.86
CA ALA A 138 -0.14 -12.21 12.09
C ALA A 138 -1.32 -11.70 12.96
N GLN A 139 -1.90 -10.55 12.58
CA GLN A 139 -3.17 -10.08 13.15
C GLN A 139 -4.31 -10.07 12.14
N GLY A 140 -4.11 -10.66 10.98
CA GLY A 140 -5.18 -10.83 10.01
C GLY A 140 -5.58 -9.56 9.30
N VAL A 141 -4.65 -8.62 9.17
CA VAL A 141 -4.90 -7.42 8.43
C VAL A 141 -4.27 -7.64 7.04
N ILE A 142 -5.03 -7.32 5.99
CA ILE A 142 -4.68 -7.49 4.61
C ILE A 142 -4.63 -6.13 3.96
N HIS A 143 -3.46 -5.68 3.47
CA HIS A 143 -3.33 -4.34 2.87
C HIS A 143 -4.17 -4.19 1.59
N ARG A 144 -4.02 -5.12 0.64
CA ARG A 144 -4.82 -5.14 -0.59
C ARG A 144 -4.55 -4.07 -1.65
N ASP A 145 -3.63 -3.14 -1.41
CA ASP A 145 -3.28 -2.22 -2.51
C ASP A 145 -1.76 -2.09 -2.65
N ILE A 146 -1.01 -3.16 -2.43
CA ILE A 146 0.42 -3.10 -2.47
C ILE A 146 0.88 -2.82 -3.90
N LYS A 147 1.67 -1.75 -4.01
CA LYS A 147 2.29 -1.26 -5.23
C LYS A 147 3.23 -0.10 -4.82
N SER A 148 4.02 0.43 -5.77
CA SER A 148 5.02 1.41 -5.41
C SER A 148 4.43 2.68 -4.85
N ASP A 149 3.21 3.03 -5.26
CA ASP A 149 2.55 4.25 -4.68
C ASP A 149 2.42 4.21 -3.13
N SER A 150 2.22 3.02 -2.57
CA SER A 150 2.04 2.82 -1.12
C SER A 150 3.36 2.74 -0.34
N ILE A 151 4.47 2.97 -1.02
CA ILE A 151 5.75 2.90 -0.39
C ILE A 151 6.23 4.35 -0.31
N LEU A 152 6.30 4.84 0.89
CA LEU A 152 6.73 6.19 1.09
C LEU A 152 8.06 6.18 1.82
N LEU A 153 8.81 7.28 1.68
CA LEU A 153 10.18 7.38 2.18
C LEU A 153 10.41 8.56 3.14
N THR A 154 11.32 8.42 4.09
CA THR A 154 11.87 9.59 4.76
C THR A 154 13.12 10.16 4.05
N HIS A 155 13.39 11.42 4.35
CA HIS A 155 14.57 12.14 3.85
C HIS A 155 15.81 11.27 3.96
N ASP A 156 15.87 10.42 4.97
CA ASP A 156 17.06 9.63 5.18
C ASP A 156 16.93 8.20 4.66
N GLY A 157 15.85 7.90 3.95
CA GLY A 157 15.76 6.65 3.17
C GLY A 157 15.11 5.48 3.88
N ARG A 158 14.39 5.75 4.97
CA ARG A 158 13.61 4.71 5.63
C ARG A 158 12.29 4.55 4.91
N VAL A 159 11.83 3.28 4.80
CA VAL A 159 10.70 2.87 3.99
C VAL A 159 9.50 2.57 4.88
N LYS A 160 8.33 3.09 4.52
CA LYS A 160 7.14 2.89 5.32
C LYS A 160 5.99 2.57 4.42
N LEU A 161 5.24 1.55 4.80
CA LEU A 161 4.08 1.18 4.05
C LEU A 161 2.97 2.14 4.39
N SER A 162 2.23 2.53 3.36
CA SER A 162 1.14 3.48 3.50
C SER A 162 -0.08 3.04 2.68
N ASP A 163 -1.08 3.94 2.58
CA ASP A 163 -2.29 3.76 1.76
C ASP A 163 -3.15 2.57 2.11
N PHE A 164 -3.69 2.58 3.33
CA PHE A 164 -4.50 1.46 3.81
C PHE A 164 -5.94 1.56 3.50
N GLY A 165 -6.30 2.50 2.68
CA GLY A 165 -7.70 2.71 2.34
C GLY A 165 -8.46 1.49 1.91
N PHE A 166 -7.83 0.59 1.17
CA PHE A 166 -8.56 -0.60 0.73
C PHE A 166 -8.43 -1.81 1.67
N CYS A 167 -7.67 -1.64 2.78
CA CYS A 167 -7.40 -2.75 3.70
C CYS A 167 -8.63 -3.54 4.23
N ALA A 168 -8.32 -4.59 4.97
CA ALA A 168 -9.30 -5.59 5.32
C ALA A 168 -8.81 -6.35 6.53
N GLN A 169 -9.79 -6.87 7.27
CA GLN A 169 -9.56 -7.56 8.52
C GLN A 169 -10.23 -8.92 8.30
N VAL A 170 -9.49 -10.01 8.52
CA VAL A 170 -10.08 -11.37 8.58
C VAL A 170 -9.93 -12.01 9.98
N SER A 171 -10.71 -13.05 10.25
CA SER A 171 -10.77 -13.66 11.58
C SER A 171 -10.96 -15.17 11.53
N LYS A 172 -10.72 -15.84 12.65
CA LYS A 172 -11.02 -17.27 12.77
C LYS A 172 -12.43 -17.65 12.23
N GLU A 173 -13.36 -16.69 12.25
CA GLU A 173 -14.77 -16.86 11.83
C GLU A 173 -15.16 -16.25 10.48
N VAL A 174 -14.45 -15.21 10.02
CA VAL A 174 -14.49 -14.86 8.58
C VAL A 174 -13.05 -14.79 8.04
N PRO A 175 -12.42 -15.97 7.82
CA PRO A 175 -10.99 -16.08 7.47
C PRO A 175 -10.64 -15.56 6.10
N ARG A 176 -11.65 -15.30 5.26
CA ARG A 176 -11.45 -14.82 3.89
C ARG A 176 -12.37 -13.67 3.42
N ARG A 177 -11.89 -12.92 2.44
CA ARG A 177 -12.67 -11.92 1.76
C ARG A 177 -12.94 -12.40 0.37
N LYS A 178 -13.77 -11.67 -0.35
CA LYS A 178 -14.24 -12.08 -1.70
C LYS A 178 -14.34 -10.84 -2.66
N SEP A 179 -13.94 -9.65 -2.16
CA SEP A 179 -14.13 -8.35 -2.84
CB SEP A 179 -14.17 -7.22 -1.80
OG SEP A 179 -15.26 -7.37 -0.91
C SEP A 179 -13.09 -7.96 -3.89
O SEP A 179 -11.88 -8.02 -3.67
P SEP A 179 -14.81 -7.06 0.59
O1P SEP A 179 -13.63 -7.99 1.18
O2P SEP A 179 -14.39 -5.53 0.74
O3P SEP A 179 -16.14 -7.31 1.46
N LEU A 180 -13.60 -7.47 -5.02
CA LEU A 180 -12.79 -7.01 -6.11
C LEU A 180 -12.25 -5.64 -5.77
N VAL A 181 -11.20 -5.63 -4.95
CA VAL A 181 -10.43 -4.37 -4.70
C VAL A 181 -8.88 -4.46 -4.83
N GLY A 182 -8.27 -3.31 -5.10
CA GLY A 182 -6.87 -3.24 -5.40
C GLY A 182 -6.71 -2.34 -6.61
N THR A 183 -5.52 -2.41 -7.20
CA THR A 183 -5.25 -1.75 -8.48
C THR A 183 -5.01 -2.83 -9.55
N PRO A 184 -5.89 -2.90 -10.56
CA PRO A 184 -5.93 -3.99 -11.54
C PRO A 184 -4.61 -4.76 -11.84
N TYR A 185 -3.60 -4.09 -12.39
CA TYR A 185 -2.38 -4.77 -12.88
C TYR A 185 -1.61 -5.41 -11.73
N TRP A 186 -2.04 -5.11 -10.49
CA TRP A 186 -1.37 -5.62 -9.30
C TRP A 186 -2.17 -6.74 -8.65
N MET A 187 -3.34 -7.02 -9.16
CA MET A 187 -4.25 -7.86 -8.42
C MET A 187 -3.88 -9.32 -8.56
N ALA A 188 -3.99 -10.05 -7.45
CA ALA A 188 -3.69 -11.47 -7.43
C ALA A 188 -4.64 -12.26 -8.37
N PRO A 189 -4.15 -13.34 -8.99
CA PRO A 189 -5.05 -14.13 -9.87
C PRO A 189 -6.37 -14.49 -9.21
N GLU A 190 -6.32 -15.08 -8.02
CA GLU A 190 -7.53 -15.47 -7.30
C GLU A 190 -8.50 -14.27 -7.08
N LEU A 191 -7.98 -13.15 -6.57
CA LEU A 191 -8.75 -11.90 -6.39
C LEU A 191 -9.59 -11.53 -7.60
N ILE A 192 -8.93 -11.41 -8.77
CA ILE A 192 -9.62 -11.13 -10.02
C ILE A 192 -10.64 -12.23 -10.28
N SER A 193 -10.25 -13.46 -9.96
CA SER A 193 -11.10 -14.62 -10.18
C SER A 193 -12.44 -14.59 -9.43
N ARG A 194 -12.51 -13.81 -8.36
CA ARG A 194 -13.70 -13.77 -7.50
C ARG A 194 -13.74 -15.00 -6.57
N LEU A 195 -12.58 -15.42 -6.05
CA LEU A 195 -12.54 -16.49 -5.05
C LEU A 195 -12.21 -15.97 -3.63
N PRO A 196 -12.46 -16.79 -2.60
CA PRO A 196 -12.09 -16.41 -1.24
C PRO A 196 -10.59 -16.30 -1.07
N TYR A 197 -10.12 -15.19 -0.51
CA TYR A 197 -8.67 -14.95 -0.41
C TYR A 197 -8.23 -14.46 0.96
N GLY A 198 -6.93 -14.61 1.23
CA GLY A 198 -6.36 -14.20 2.49
C GLY A 198 -5.27 -13.17 2.27
N PRO A 199 -4.36 -13.02 3.26
CA PRO A 199 -3.19 -12.19 3.13
C PRO A 199 -2.29 -12.51 1.94
N GLU A 200 -2.39 -13.73 1.36
CA GLU A 200 -1.53 -14.14 0.22
C GLU A 200 -1.60 -13.18 -0.96
N VAL A 201 -2.74 -12.49 -1.08
CA VAL A 201 -2.97 -11.63 -2.22
C VAL A 201 -2.00 -10.47 -2.19
N ASP A 202 -1.44 -10.24 -1.00
CA ASP A 202 -0.47 -9.17 -0.78
C ASP A 202 0.89 -9.62 -1.31
N ILE A 203 1.21 -10.90 -1.11
CA ILE A 203 2.50 -11.41 -1.55
C ILE A 203 2.57 -11.34 -3.07
N TRP A 204 1.56 -11.85 -3.76
CA TRP A 204 1.57 -11.71 -5.21
C TRP A 204 1.89 -10.27 -5.56
N SER A 205 1.02 -9.39 -5.10
CA SER A 205 1.13 -7.94 -5.31
C SER A 205 2.53 -7.38 -5.11
N LEU A 206 3.22 -7.88 -4.09
CA LEU A 206 4.60 -7.44 -3.82
C LEU A 206 5.52 -7.95 -4.93
N GLY A 207 5.18 -9.12 -5.50
CA GLY A 207 5.89 -9.68 -6.62
C GLY A 207 5.77 -8.73 -7.80
N ILE A 208 4.56 -8.25 -8.04
CA ILE A 208 4.33 -7.25 -9.08
C ILE A 208 5.15 -5.98 -8.79
N MET A 209 5.31 -5.63 -7.52
CA MET A 209 6.06 -4.40 -7.22
C MET A 209 7.54 -4.61 -7.53
N VAL A 210 8.02 -5.85 -7.33
CA VAL A 210 9.41 -6.19 -7.66
C VAL A 210 9.58 -6.08 -9.16
N ILE A 211 8.63 -6.57 -9.93
CA ILE A 211 8.70 -6.30 -11.38
C ILE A 211 8.79 -4.79 -11.63
N GLU A 212 8.12 -4.00 -10.80
CA GLU A 212 8.14 -2.56 -10.98
C GLU A 212 9.54 -2.04 -10.82
N MET A 213 10.19 -2.44 -9.73
CA MET A 213 11.50 -1.92 -9.37
C MET A 213 12.54 -2.38 -10.40
N VAL A 214 12.31 -3.56 -10.99
CA VAL A 214 13.17 -4.05 -12.02
C VAL A 214 12.87 -3.49 -13.41
N ASP A 215 11.61 -3.54 -13.82
CA ASP A 215 11.25 -3.21 -15.20
C ASP A 215 10.86 -1.73 -15.33
N GLY A 216 10.38 -1.16 -14.22
CA GLY A 216 9.88 0.24 -14.22
C GLY A 216 8.38 0.34 -14.48
N GLU A 217 7.73 -0.79 -14.73
CA GLU A 217 6.28 -0.85 -14.90
C GLU A 217 5.81 -2.27 -14.58
N PRO A 218 4.53 -2.46 -14.22
CA PRO A 218 4.06 -3.85 -14.06
C PRO A 218 3.72 -4.48 -15.38
N PRO A 219 3.48 -5.82 -15.43
CA PRO A 219 3.05 -6.47 -16.67
C PRO A 219 1.78 -5.87 -17.25
N TYR A 220 1.64 -5.97 -18.57
CA TYR A 220 0.50 -5.48 -19.33
C TYR A 220 0.06 -4.03 -19.03
N PHE A 221 1.02 -3.19 -18.65
CA PHE A 221 0.66 -1.86 -18.24
C PHE A 221 0.00 -1.08 -19.38
N ASN A 222 0.38 -1.41 -20.61
CA ASN A 222 -0.17 -0.79 -21.80
C ASN A 222 -1.61 -1.20 -22.11
N GLU A 223 -1.95 -2.46 -21.85
CA GLU A 223 -3.28 -2.95 -22.16
C GLU A 223 -4.22 -2.36 -21.16
N PRO A 224 -5.46 -2.04 -21.59
CA PRO A 224 -6.52 -1.53 -20.69
C PRO A 224 -6.71 -2.40 -19.45
N PRO A 225 -7.08 -1.78 -18.31
CA PRO A 225 -7.20 -2.48 -17.02
C PRO A 225 -8.11 -3.72 -17.07
N LEU A 226 -9.30 -3.56 -17.67
CA LEU A 226 -10.25 -4.64 -17.83
C LEU A 226 -9.54 -5.88 -18.39
N LYS A 227 -8.98 -5.76 -19.61
CA LYS A 227 -8.34 -6.88 -20.33
C LYS A 227 -7.08 -7.37 -19.59
N ALA A 228 -6.34 -6.44 -19.04
CA ALA A 228 -5.19 -6.76 -18.20
C ALA A 228 -5.56 -7.76 -17.10
N MET A 229 -6.48 -7.34 -16.23
CA MET A 229 -7.01 -8.22 -15.20
C MET A 229 -7.23 -9.62 -15.72
N LYS A 230 -7.97 -9.74 -16.81
CA LYS A 230 -8.27 -11.04 -17.45
C LYS A 230 -7.02 -11.89 -17.63
N MET A 231 -6.01 -11.32 -18.27
CA MET A 231 -4.73 -11.97 -18.49
C MET A 231 -3.98 -12.35 -17.21
N ILE A 232 -4.23 -11.64 -16.11
CA ILE A 232 -3.63 -12.00 -14.82
C ILE A 232 -4.24 -13.32 -14.32
N ARG A 233 -5.56 -13.44 -14.43
CA ARG A 233 -6.25 -14.71 -14.11
C ARG A 233 -5.93 -15.86 -15.07
N ASP A 234 -5.88 -15.59 -16.38
CA ASP A 234 -5.79 -16.67 -17.37
C ASP A 234 -4.39 -17.24 -17.63
N ASN A 235 -3.35 -16.48 -17.30
CA ASN A 235 -1.98 -16.79 -17.73
C ASN A 235 -1.03 -17.22 -16.59
N LEU A 236 0.05 -17.91 -16.97
CA LEU A 236 1.11 -18.29 -16.05
C LEU A 236 1.74 -17.03 -15.47
N PRO A 237 2.47 -17.15 -14.36
CA PRO A 237 2.98 -15.88 -13.85
C PRO A 237 3.79 -15.14 -14.91
N PRO A 238 3.74 -13.80 -14.88
CA PRO A 238 4.51 -12.98 -15.81
C PRO A 238 5.99 -13.02 -15.49
N ARG A 239 6.84 -12.97 -16.49
CA ARG A 239 8.26 -12.91 -16.20
C ARG A 239 8.77 -11.46 -16.25
N LEU A 240 10.07 -11.31 -15.99
CA LEU A 240 10.69 -10.00 -16.03
C LEU A 240 11.13 -9.64 -17.44
N LYS A 241 10.89 -8.42 -17.93
CA LYS A 241 11.49 -8.01 -19.23
C LYS A 241 12.99 -8.05 -19.05
N ASN A 242 13.44 -7.49 -17.93
CA ASN A 242 14.86 -7.44 -17.63
C ASN A 242 15.40 -8.58 -16.75
N LEU A 243 14.83 -9.76 -16.93
CA LEU A 243 15.40 -11.01 -16.43
C LEU A 243 16.92 -11.07 -16.48
N HIS A 244 17.51 -10.70 -17.60
CA HIS A 244 18.96 -10.87 -17.74
C HIS A 244 19.69 -9.84 -16.85
N LYS A 245 18.97 -8.82 -16.45
CA LYS A 245 19.54 -7.84 -15.56
C LYS A 245 19.61 -8.29 -14.08
N VAL A 246 18.88 -9.36 -13.71
CA VAL A 246 18.75 -9.77 -12.30
C VAL A 246 19.49 -11.04 -11.87
N SER A 247 19.90 -11.09 -10.61
CA SER A 247 20.59 -12.24 -10.07
C SER A 247 19.61 -13.40 -9.88
N PRO A 248 20.12 -14.64 -9.82
CA PRO A 248 19.31 -15.82 -9.47
C PRO A 248 18.78 -15.75 -8.06
N SER A 249 19.48 -15.01 -7.21
CA SER A 249 19.01 -14.68 -5.87
C SER A 249 17.69 -13.90 -5.99
N LEU A 250 17.69 -12.88 -6.83
CA LEU A 250 16.49 -12.07 -6.97
C LEU A 250 15.41 -12.90 -7.66
N LYS A 251 15.73 -13.51 -8.80
CA LYS A 251 14.75 -14.35 -9.49
C LYS A 251 14.16 -15.46 -8.60
N GLY A 252 15.02 -16.09 -7.80
CA GLY A 252 14.61 -17.19 -6.94
C GLY A 252 13.62 -16.69 -5.90
N PHE A 253 13.88 -15.47 -5.46
CA PHE A 253 13.08 -14.74 -4.51
C PHE A 253 11.75 -14.35 -5.15
N LEU A 254 11.79 -13.87 -6.39
CA LEU A 254 10.56 -13.55 -7.12
C LEU A 254 9.71 -14.80 -7.36
N ASP A 255 10.37 -15.93 -7.66
CA ASP A 255 9.69 -17.18 -7.93
C ASP A 255 8.83 -17.66 -6.73
N ARG A 256 9.08 -17.12 -5.56
CA ARG A 256 8.27 -17.46 -4.39
C ARG A 256 7.04 -16.54 -4.19
N LEU A 257 7.00 -15.40 -4.88
CA LEU A 257 5.85 -14.51 -4.75
C LEU A 257 4.86 -14.72 -5.88
N LEU A 258 5.35 -14.91 -7.11
CA LEU A 258 4.47 -15.08 -8.28
C LEU A 258 4.05 -16.52 -8.53
N VAL A 259 3.38 -17.09 -7.53
CA VAL A 259 2.86 -18.46 -7.60
C VAL A 259 1.35 -18.32 -7.73
N ARG A 260 0.77 -18.94 -8.77
CA ARG A 260 -0.67 -18.91 -9.01
C ARG A 260 -1.52 -19.50 -7.87
N ASP A 261 -1.03 -20.56 -7.25
CA ASP A 261 -1.77 -21.27 -6.18
C ASP A 261 -1.33 -20.78 -4.78
N PRO A 262 -2.18 -19.95 -4.14
CA PRO A 262 -1.86 -19.18 -2.92
C PRO A 262 -1.41 -20.03 -1.74
N ALA A 263 -1.86 -21.28 -1.75
CA ALA A 263 -1.45 -22.30 -0.81
C ALA A 263 0.05 -22.49 -0.91
N GLN A 264 0.55 -22.55 -2.14
CA GLN A 264 1.96 -22.79 -2.42
C GLN A 264 2.81 -21.54 -2.26
N ARG A 265 2.15 -20.39 -2.44
CA ARG A 265 2.83 -19.09 -2.39
C ARG A 265 3.39 -18.85 -1.01
N ALA A 266 4.63 -18.38 -0.97
CA ALA A 266 5.22 -17.99 0.29
C ALA A 266 4.41 -16.90 1.01
N THR A 267 4.60 -16.87 2.33
CA THR A 267 3.95 -15.96 3.26
C THR A 267 5.06 -14.98 3.62
N ALA A 268 4.67 -13.83 4.14
CA ALA A 268 5.62 -12.83 4.59
C ALA A 268 6.58 -13.40 5.63
N ALA A 269 6.05 -14.22 6.53
CA ALA A 269 6.87 -14.82 7.58
C ALA A 269 7.94 -15.70 6.92
N GLU A 270 7.52 -16.50 5.93
CA GLU A 270 8.47 -17.35 5.21
C GLU A 270 9.52 -16.47 4.49
N LEU A 271 9.05 -15.43 3.80
CA LEU A 271 9.91 -14.60 2.96
C LEU A 271 10.97 -13.82 3.73
N LEU A 272 10.77 -13.59 5.02
CA LEU A 272 11.74 -12.85 5.79
C LEU A 272 13.01 -13.63 5.96
N LYS A 273 12.95 -14.96 5.83
CA LYS A 273 14.12 -15.84 5.93
C LYS A 273 14.90 -16.10 4.59
N HIS A 274 14.45 -15.47 3.52
CA HIS A 274 15.02 -15.74 2.23
C HIS A 274 16.37 -15.08 2.04
N PRO A 275 17.34 -15.83 1.46
CA PRO A 275 18.69 -15.33 1.27
C PRO A 275 18.76 -14.01 0.50
N PHE A 276 17.85 -13.79 -0.45
CA PHE A 276 17.92 -12.57 -1.23
C PHE A 276 18.00 -11.36 -0.29
N LEU A 277 17.30 -11.45 0.85
CA LEU A 277 17.21 -10.32 1.75
C LEU A 277 18.50 -10.01 2.51
N ALA A 278 19.45 -10.95 2.52
CA ALA A 278 20.79 -10.65 3.03
C ALA A 278 21.45 -9.52 2.24
N LYS A 279 20.98 -9.29 1.02
CA LYS A 279 21.52 -8.22 0.18
C LYS A 279 21.13 -6.83 0.69
N ALA A 280 19.98 -6.76 1.35
CA ALA A 280 19.36 -5.47 1.76
C ALA A 280 20.32 -4.44 2.32
N GLY A 281 20.42 -3.31 1.63
CA GLY A 281 21.24 -2.20 2.12
C GLY A 281 20.69 -1.40 3.30
N PRO A 282 21.57 -0.61 3.96
CA PRO A 282 21.08 0.24 5.09
C PRO A 282 20.10 1.28 4.55
N PRO A 283 19.36 1.97 5.42
CA PRO A 283 18.46 2.87 4.71
C PRO A 283 19.20 4.08 4.03
N ALA A 284 20.52 4.15 4.17
CA ALA A 284 21.31 5.18 3.47
C ALA A 284 21.62 4.81 2.00
N SER A 285 21.34 3.58 1.61
CA SER A 285 21.52 3.18 0.20
C SER A 285 20.38 3.70 -0.71
N ILE A 286 19.24 4.04 -0.11
CA ILE A 286 18.08 4.60 -0.80
C ILE A 286 18.19 6.11 -1.09
N VAL A 287 18.77 6.85 -0.15
CA VAL A 287 18.97 8.30 -0.31
C VAL A 287 19.34 8.77 -1.76
N PRO A 288 20.36 8.16 -2.39
CA PRO A 288 20.66 8.68 -3.74
C PRO A 288 19.56 8.53 -4.82
N LEU A 289 18.60 7.63 -4.63
CA LEU A 289 17.51 7.47 -5.58
C LEU A 289 16.49 8.61 -5.53
N MET A 290 16.44 9.34 -4.41
CA MET A 290 15.42 10.38 -4.21
C MET A 290 15.63 11.66 -5.01
N ARG A 291 14.51 12.25 -5.44
CA ARG A 291 14.45 13.44 -6.31
C ARG A 291 15.35 14.63 -5.96
N GLN A 292 15.33 15.07 -4.70
CA GLN A 292 16.17 16.21 -4.31
C GLN A 292 17.67 15.85 -4.39
N ASN A 293 17.98 14.55 -4.36
CA ASN A 293 19.37 14.06 -4.31
C ASN A 293 19.93 13.50 -5.64
N ARG A 294 19.05 13.37 -6.64
CA ARG A 294 19.46 13.03 -8.01
C ARG A 294 20.13 14.23 -8.66
CAJ NJD B . 0.62 10.54 1.26
CBA NJD B . 1.35 10.73 2.39
CAH NJD B . 2.35 11.56 2.66
NAM NJD B . 2.76 11.35 3.92
NAT NJD B . 1.94 10.39 4.45
CBB NJD B . 1.09 10.02 3.52
CAG NJD B . 0.13 9.12 3.57
CAD NJD B . -0.66 8.85 2.46
CAV NJD B . -0.43 9.55 1.27
NAR NJD B . -1.23 9.20 0.22
CAY NJD B . -1.09 9.65 -1.04
NAN NJD B . -0.11 10.46 -1.43
NAP NJD B . -1.99 9.27 -1.94
CAZ NJD B . -1.94 9.67 -3.22
OAU NJD B . -2.91 9.25 -4.08
CAA NJD B . -3.45 7.97 -3.67
NAO NJD B . -0.96 10.50 -3.61
CAX NJD B . -0.06 10.92 -2.70
NAQ NJD B . 0.95 11.73 -3.04
CAK NJD B . 2.28 11.18 -2.61
CAL NJD B . 3.25 12.22 -2.69
CAW NJD B . 4.11 12.36 -1.49
CBD NJD B . 4.84 13.47 -1.43
CAF NJD B . 4.92 14.50 -2.30
CAC NJD B . 5.75 15.59 -2.00
CAB NJD B . 6.47 15.51 -0.79
CAE NJD B . 6.32 14.39 0.05
CBC NJD B . 5.51 13.39 -0.28
NAS NJD B . 5.18 12.21 0.34
CAI NJD B . 4.30 11.56 -0.44
#